data_1Y8A
#
_entry.id   1Y8A
#
_cell.length_a   74.900
_cell.length_b   84.027
_cell.length_c   44.175
_cell.angle_alpha   90.00
_cell.angle_beta   90.00
_cell.angle_gamma   90.00
#
_symmetry.space_group_name_H-M   'P 21 21 2'
#
loop_
_entity.id
_entity.type
_entity.pdbx_description
1 polymer 'hypothetical protein AF1437'
2 non-polymer 'MAGNESIUM ION'
3 water water
#
_entity_poly.entity_id   1
_entity_poly.type   'polypeptide(L)'
_entity_poly.pdbx_seq_one_letter_code
;MGSSHHHHHHSSGRENLYFQGHMFFTDWEGPWILTDFALELCMAVFNNARFFSNLSEYDDYLAYEVRREGYEAGYTLKLL
TPFLAAAGVKNRDVERIAELSAKFVPDAEKAMATLQERWTPVVISTSYTQYLRRTASMIGVRGELHGTEVDFDSIAVPEG
LREELLSIIDVIASLSGEELFRKLDELFSRSEVRKIVESVKAVGAGEKAKIMRGYCESKGIDFPVVVGDSISDYKMFEAA
RGLGGVAIAFNGNEYALKHADVVIISPTAMSEAKVIELFMERKERAFEVLSAVSIPETEIYIMENSDFGEVLEKSKRMRV
RLRGLAGELGGS
;
_entity_poly.pdbx_strand_id   A
#
loop_
_chem_comp.id
_chem_comp.type
_chem_comp.name
_chem_comp.formula
MG non-polymer 'MAGNESIUM ION' 'Mg 2'
#
# COMPACT_ATOMS: atom_id res chain seq x y z
N GLN A 20 -20.92 16.26 0.81
CA GLN A 20 -19.88 15.63 -0.05
C GLN A 20 -20.39 14.38 -0.75
N GLY A 21 -19.85 14.10 -1.93
CA GLY A 21 -20.20 12.90 -2.70
C GLY A 21 -19.84 11.63 -1.93
N HIS A 22 -20.58 10.55 -2.18
CA HIS A 22 -20.40 9.31 -1.42
C HIS A 22 -18.95 8.84 -1.54
N MET A 23 -18.45 8.16 -0.50
CA MET A 23 -17.03 7.81 -0.43
C MET A 23 -16.74 6.43 -0.97
N PHE A 24 -15.58 6.30 -1.63
CA PHE A 24 -14.99 4.99 -1.90
C PHE A 24 -13.59 4.96 -1.31
N PHE A 25 -13.04 3.76 -1.15
CA PHE A 25 -11.77 3.57 -0.45
C PHE A 25 -10.73 3.02 -1.38
N THR A 26 -9.51 3.53 -1.28
CA THR A 26 -8.48 3.10 -2.19
C THR A 26 -7.10 3.14 -1.58
N ASP A 27 -6.31 2.12 -1.87
CA ASP A 27 -4.88 2.22 -1.67
C ASP A 27 -4.30 3.25 -2.66
N TRP A 28 -3.09 3.73 -2.35
CA TRP A 28 -2.43 4.77 -3.15
C TRP A 28 -1.43 4.20 -4.16
N GLU A 29 -0.45 3.45 -3.65
CA GLU A 29 0.65 2.94 -4.49
C GLU A 29 0.22 1.66 -5.18
N GLY A 30 0.06 1.74 -6.51
CA GLY A 30 -0.48 0.66 -7.34
C GLY A 30 -1.71 1.19 -8.09
N PRO A 31 -2.81 1.50 -7.38
CA PRO A 31 -4.00 2.08 -8.00
C PRO A 31 -3.79 3.46 -8.63
N TRP A 32 -2.98 4.32 -8.00
CA TRP A 32 -2.90 5.74 -8.44
C TRP A 32 -1.49 6.20 -8.74
N ILE A 33 -0.58 5.91 -7.82
CA ILE A 33 0.84 6.24 -8.03
C ILE A 33 1.65 4.95 -8.23
N LEU A 34 2.65 4.99 -9.11
CA LEU A 34 3.45 3.79 -9.40
C LEU A 34 4.58 3.63 -8.38
N THR A 35 4.98 4.75 -7.80
CA THR A 35 6.04 4.84 -6.79
C THR A 35 5.81 3.86 -5.64
N ASP A 36 6.86 3.13 -5.25
CA ASP A 36 6.89 2.45 -3.94
C ASP A 36 7.74 3.36 -3.06
N PHE A 37 7.08 4.15 -2.23
CA PHE A 37 7.82 5.20 -1.52
C PHE A 37 8.81 4.66 -0.47
N ALA A 38 8.43 3.60 0.24
CA ALA A 38 9.36 2.97 1.17
C ALA A 38 10.64 2.55 0.44
N LEU A 39 10.48 1.90 -0.71
CA LEU A 39 11.63 1.56 -1.53
C LEU A 39 12.43 2.78 -1.93
N GLU A 40 11.73 3.80 -2.41
CA GLU A 40 12.43 4.99 -2.91
C GLU A 40 13.22 5.71 -1.82
N LEU A 41 12.64 5.80 -0.62
CA LEU A 41 13.37 6.33 0.54
C LEU A 41 14.61 5.51 0.84
N CYS A 42 14.43 4.20 0.89
CA CYS A 42 15.55 3.32 1.15
C CYS A 42 16.65 3.51 0.10
N MET A 43 16.26 3.60 -1.16
CA MET A 43 17.25 3.76 -2.23
C MET A 43 17.93 5.12 -2.17
N ALA A 44 17.17 6.18 -1.91
CA ALA A 44 17.75 7.53 -1.84
C ALA A 44 18.73 7.65 -0.68
N VAL A 45 18.39 7.05 0.45
CA VAL A 45 19.18 7.23 1.67
C VAL A 45 20.33 6.22 1.78
N PHE A 46 20.06 4.97 1.47
CA PHE A 46 21.04 3.90 1.64
C PHE A 46 21.54 3.26 0.36
N ASN A 47 20.87 3.53 -0.77
CA ASN A 47 21.17 2.89 -2.04
C ASN A 47 21.43 1.40 -1.87
N ASN A 48 20.49 0.71 -1.23
CA ASN A 48 20.67 -0.70 -0.93
C ASN A 48 19.37 -1.46 -1.15
N ALA A 49 19.20 -1.99 -2.37
CA ALA A 49 17.99 -2.72 -2.73
C ALA A 49 17.82 -4.03 -1.96
N ARG A 50 18.93 -4.74 -1.72
CA ARG A 50 18.86 -6.00 -0.99
C ARG A 50 18.39 -5.78 0.45
N PHE A 51 18.86 -4.70 1.08
CA PHE A 51 18.38 -4.34 2.40
C PHE A 51 16.86 -4.19 2.41
N PHE A 52 16.35 -3.43 1.43
CA PHE A 52 14.91 -3.25 1.35
C PHE A 52 14.17 -4.54 1.07
N SER A 53 14.63 -5.33 0.11
CA SER A 53 13.95 -6.57 -0.25
C SER A 53 13.89 -7.48 0.98
N ASN A 54 14.98 -7.51 1.74
CA ASN A 54 15.04 -8.32 2.96
C ASN A 54 14.03 -7.86 4.02
N LEU A 55 13.95 -6.55 4.27
CA LEU A 55 12.94 -6.03 5.21
C LEU A 55 11.51 -6.33 4.74
N SER A 56 11.28 -6.19 3.45
CA SER A 56 9.95 -6.38 2.89
C SER A 56 9.55 -7.87 2.91
N GLU A 57 10.52 -8.75 2.65
CA GLU A 57 10.25 -10.19 2.75
C GLU A 57 9.92 -10.58 4.18
N TYR A 58 10.65 -10.00 5.13
CA TYR A 58 10.35 -10.20 6.55
C TYR A 58 8.93 -9.76 6.92
N ASP A 59 8.52 -8.61 6.39
CA ASP A 59 7.17 -8.10 6.63
C ASP A 59 6.13 -9.08 6.10
N ASP A 60 6.30 -9.53 4.85
CA ASP A 60 5.36 -10.49 4.25
C ASP A 60 5.30 -11.75 5.10
N TYR A 61 6.47 -12.22 5.52
CA TYR A 61 6.58 -13.42 6.32
C TYR A 61 5.84 -13.29 7.64
N LEU A 62 6.16 -12.27 8.44
CA LEU A 62 5.48 -12.11 9.72
C LEU A 62 3.98 -11.87 9.59
N ALA A 63 3.57 -11.10 8.60
CA ALA A 63 2.16 -10.69 8.52
C ALA A 63 1.26 -11.77 7.96
N TYR A 64 1.72 -12.45 6.90
CA TYR A 64 0.82 -13.35 6.18
C TYR A 64 1.08 -14.83 6.42
N GLU A 65 2.37 -15.20 6.51
CA GLU A 65 2.75 -16.58 6.77
C GLU A 65 2.56 -16.91 8.25
N VAL A 66 3.33 -16.23 9.10
CA VAL A 66 3.25 -16.48 10.56
C VAL A 66 1.94 -15.93 11.14
N ARG A 67 1.54 -14.74 10.69
CA ARG A 67 0.45 -13.95 11.28
C ARG A 67 0.76 -13.67 12.74
N ARG A 68 2.00 -13.22 12.96
CA ARG A 68 2.45 -12.83 14.30
C ARG A 68 1.43 -11.89 14.92
N GLU A 69 1.03 -12.19 16.14
N GLU A 69 1.05 -12.17 16.16
CA GLU A 69 -0.01 -11.42 16.83
CA GLU A 69 0.07 -11.35 16.86
C GLU A 69 0.45 -9.96 17.04
C GLU A 69 0.55 -9.91 16.90
N GLY A 70 -0.34 -9.00 16.53
CA GLY A 70 -0.02 -7.57 16.59
C GLY A 70 0.76 -7.04 15.40
N TYR A 71 1.23 -7.92 14.53
CA TYR A 71 1.99 -7.51 13.36
C TYR A 71 1.03 -7.39 12.18
N GLU A 72 1.21 -6.35 11.37
CA GLU A 72 0.32 -6.15 10.22
C GLU A 72 1.12 -5.95 8.95
N ALA A 73 0.60 -6.48 7.85
CA ALA A 73 1.26 -6.33 6.55
C ALA A 73 1.38 -4.88 6.17
N GLY A 74 2.56 -4.48 5.71
CA GLY A 74 2.79 -3.08 5.36
C GLY A 74 3.50 -2.29 6.46
N TYR A 75 3.91 -2.99 7.52
CA TYR A 75 4.72 -2.36 8.58
C TYR A 75 6.17 -2.15 8.18
N THR A 76 6.53 -2.49 6.94
CA THR A 76 7.91 -2.34 6.48
C THR A 76 8.45 -0.93 6.69
N LEU A 77 7.65 0.07 6.32
CA LEU A 77 8.10 1.44 6.49
C LEU A 77 8.29 1.80 7.98
N LYS A 78 7.43 1.26 8.84
CA LYS A 78 7.61 1.39 10.28
C LYS A 78 8.99 0.84 10.70
N LEU A 79 9.35 -0.34 10.18
CA LEU A 79 10.65 -0.97 10.50
C LEU A 79 11.82 -0.16 9.96
N LEU A 80 11.60 0.49 8.82
CA LEU A 80 12.63 1.28 8.15
C LEU A 80 12.89 2.59 8.89
N THR A 81 11.88 3.06 9.60
CA THR A 81 11.93 4.38 10.24
C THR A 81 13.16 4.61 11.15
N PRO A 82 13.47 3.67 12.08
CA PRO A 82 14.68 3.90 12.89
C PRO A 82 15.96 4.05 12.07
N PHE A 83 16.07 3.34 10.96
CA PHE A 83 17.26 3.49 10.12
C PHE A 83 17.33 4.87 9.46
N LEU A 84 16.19 5.31 8.94
CA LEU A 84 16.07 6.64 8.33
C LEU A 84 16.39 7.73 9.36
N ALA A 85 15.84 7.60 10.56
CA ALA A 85 16.13 8.56 11.63
C ALA A 85 17.64 8.58 11.96
N ALA A 86 18.24 7.40 12.07
CA ALA A 86 19.68 7.28 12.31
C ALA A 86 20.51 7.98 11.23
N ALA A 87 20.04 7.90 9.98
CA ALA A 87 20.72 8.52 8.83
C ALA A 87 20.51 10.03 8.76
N GLY A 88 19.69 10.57 9.65
CA GLY A 88 19.48 12.01 9.73
C GLY A 88 18.35 12.55 8.86
N VAL A 89 17.48 11.65 8.39
CA VAL A 89 16.34 12.05 7.56
C VAL A 89 15.44 13.00 8.33
N LYS A 90 15.09 14.10 7.67
CA LYS A 90 14.15 15.08 8.21
C LYS A 90 12.89 15.16 7.35
N ASN A 91 11.86 15.81 7.88
CA ASN A 91 10.59 15.92 7.16
C ASN A 91 10.75 16.55 5.75
N ARG A 92 11.59 17.58 5.63
CA ARG A 92 11.89 18.17 4.32
C ARG A 92 12.47 17.18 3.31
N ASP A 93 13.24 16.19 3.79
CA ASP A 93 13.80 15.18 2.91
C ASP A 93 12.70 14.25 2.41
N VAL A 94 11.78 13.90 3.29
CA VAL A 94 10.63 13.09 2.90
C VAL A 94 9.85 13.78 1.78
N GLU A 95 9.57 15.07 1.95
CA GLU A 95 8.86 15.84 0.93
C GLU A 95 9.60 15.89 -0.42
N ARG A 96 10.90 16.13 -0.37
CA ARG A 96 11.71 16.24 -1.57
C ARG A 96 11.76 14.91 -2.33
N ILE A 97 11.97 13.81 -1.61
CA ILE A 97 12.04 12.50 -2.26
C ILE A 97 10.65 12.14 -2.80
N ALA A 98 9.60 12.57 -2.10
CA ALA A 98 8.22 12.41 -2.58
C ALA A 98 8.05 13.09 -3.94
N GLU A 99 8.59 14.31 -4.05
CA GLU A 99 8.53 15.09 -5.29
C GLU A 99 9.30 14.39 -6.40
N LEU A 100 10.56 14.06 -6.14
CA LEU A 100 11.47 13.49 -7.14
C LEU A 100 10.99 12.15 -7.71
N SER A 101 10.42 11.32 -6.85
CA SER A 101 10.14 9.93 -7.18
C SER A 101 8.70 9.71 -7.66
N ALA A 102 7.88 10.75 -7.60
CA ALA A 102 6.47 10.60 -7.94
C ALA A 102 6.29 10.29 -9.41
N LYS A 103 5.66 9.15 -9.68
N LYS A 103 5.70 9.14 -9.69
CA LYS A 103 5.37 8.70 -11.04
CA LYS A 103 5.37 8.74 -11.06
C LYS A 103 4.01 8.04 -10.99
C LYS A 103 4.00 8.07 -10.97
N PHE A 104 3.05 8.57 -11.76
CA PHE A 104 1.66 8.16 -11.64
C PHE A 104 1.24 7.10 -12.66
N VAL A 105 0.24 6.31 -12.28
CA VAL A 105 -0.40 5.40 -13.20
C VAL A 105 -0.90 6.23 -14.39
N PRO A 106 -0.78 5.71 -15.62
CA PRO A 106 -1.31 6.47 -16.74
C PRO A 106 -2.77 6.87 -16.53
N ASP A 107 -3.08 8.13 -16.81
CA ASP A 107 -4.43 8.70 -16.68
C ASP A 107 -4.91 8.87 -15.22
N ALA A 108 -3.99 8.79 -14.25
CA ALA A 108 -4.38 8.92 -12.85
C ALA A 108 -5.19 10.20 -12.58
N GLU A 109 -4.66 11.35 -13.00
CA GLU A 109 -5.35 12.60 -12.70
C GLU A 109 -6.69 12.70 -13.45
N LYS A 110 -6.69 12.28 -14.71
N LYS A 110 -6.69 12.31 -14.72
CA LYS A 110 -7.88 12.27 -15.58
CA LYS A 110 -7.93 12.32 -15.52
C LYS A 110 -8.99 11.41 -14.96
C LYS A 110 -8.98 11.46 -14.80
N ALA A 111 -8.60 10.25 -14.44
CA ALA A 111 -9.52 9.32 -13.79
C ALA A 111 -10.01 9.88 -12.44
N MET A 112 -9.10 10.47 -11.66
CA MET A 112 -9.49 11.02 -10.37
C MET A 112 -10.42 12.23 -10.53
N ALA A 113 -10.17 13.05 -11.54
CA ALA A 113 -11.05 14.20 -11.82
C ALA A 113 -12.46 13.73 -12.19
N THR A 114 -12.54 12.70 -13.02
CA THR A 114 -13.82 12.09 -13.37
C THR A 114 -14.54 11.60 -12.11
N LEU A 115 -13.85 10.82 -11.28
CA LEU A 115 -14.47 10.28 -10.06
C LEU A 115 -14.94 11.39 -9.11
N GLN A 116 -14.13 12.44 -8.97
CA GLN A 116 -14.46 13.48 -7.98
C GLN A 116 -15.59 14.41 -8.40
N GLU A 117 -16.08 14.26 -9.63
CA GLU A 117 -17.34 14.91 -10.03
C GLU A 117 -18.50 14.45 -9.16
N ARG A 118 -18.42 13.21 -8.66
CA ARG A 118 -19.53 12.60 -7.94
C ARG A 118 -19.18 11.95 -6.61
N TRP A 119 -17.92 11.52 -6.46
CA TRP A 119 -17.52 10.69 -5.32
C TRP A 119 -16.28 11.25 -4.61
N THR A 120 -16.09 10.86 -3.35
CA THR A 120 -14.96 11.33 -2.55
C THR A 120 -14.02 10.17 -2.25
N PRO A 121 -12.74 10.26 -2.67
CA PRO A 121 -11.81 9.19 -2.32
C PRO A 121 -11.35 9.24 -0.86
N VAL A 122 -11.27 8.08 -0.24
CA VAL A 122 -10.60 7.92 1.05
C VAL A 122 -9.37 7.07 0.75
N VAL A 123 -8.22 7.71 0.82
CA VAL A 123 -6.97 7.07 0.45
C VAL A 123 -6.33 6.50 1.70
N ILE A 124 -6.06 5.20 1.68
CA ILE A 124 -5.52 4.51 2.85
C ILE A 124 -4.25 3.77 2.44
N SER A 125 -3.11 4.29 2.91
CA SER A 125 -1.78 3.90 2.45
C SER A 125 -0.89 3.50 3.61
N THR A 126 0.04 2.60 3.34
CA THR A 126 1.09 2.26 4.32
C THR A 126 2.17 3.34 4.37
N SER A 127 2.25 4.15 3.32
N SER A 127 2.23 4.16 3.32
CA SER A 127 3.33 5.14 3.23
CA SER A 127 3.27 5.18 3.18
C SER A 127 3.06 6.36 4.12
C SER A 127 3.07 6.34 4.16
N TYR A 128 4.10 7.16 4.38
CA TYR A 128 3.97 8.29 5.29
C TYR A 128 2.89 9.25 4.86
N THR A 129 2.07 9.67 5.81
CA THR A 129 0.99 10.62 5.51
C THR A 129 1.49 11.90 4.83
N GLN A 130 2.64 12.43 5.26
N GLN A 130 2.65 12.43 5.23
CA GLN A 130 3.25 13.60 4.63
CA GLN A 130 3.21 13.64 4.60
C GLN A 130 3.44 13.40 3.12
C GLN A 130 3.56 13.44 3.11
N TYR A 131 3.94 12.23 2.75
CA TYR A 131 4.18 11.87 1.33
C TYR A 131 2.84 11.76 0.58
N LEU A 132 1.86 11.18 1.24
CA LEU A 132 0.52 11.11 0.69
C LEU A 132 -0.04 12.50 0.43
N ARG A 133 0.12 13.41 1.40
CA ARG A 133 -0.35 14.77 1.22
C ARG A 133 0.33 15.44 0.01
N ARG A 134 1.64 15.28 -0.09
CA ARG A 134 2.39 15.95 -1.16
C ARG A 134 2.03 15.40 -2.54
N THR A 135 1.93 14.08 -2.64
CA THR A 135 1.67 13.45 -3.94
C THR A 135 0.20 13.49 -4.35
N ALA A 136 -0.71 13.39 -3.37
CA ALA A 136 -2.14 13.53 -3.68
C ALA A 136 -2.44 14.88 -4.32
N SER A 137 -1.80 15.94 -3.84
CA SER A 137 -2.01 17.28 -4.41
C SER A 137 -1.57 17.33 -5.88
N MET A 138 -0.58 16.52 -6.25
CA MET A 138 -0.07 16.53 -7.63
C MET A 138 -1.07 16.07 -8.68
N ILE A 139 -2.05 15.27 -8.28
CA ILE A 139 -3.11 14.86 -9.21
C ILE A 139 -4.48 15.30 -8.73
N GLY A 140 -4.51 16.32 -7.87
CA GLY A 140 -5.74 16.98 -7.47
C GLY A 140 -6.71 16.14 -6.67
N VAL A 141 -6.19 15.25 -5.83
CA VAL A 141 -7.05 14.50 -4.92
C VAL A 141 -7.64 15.45 -3.88
N ARG A 142 -8.94 15.34 -3.69
CA ARG A 142 -9.68 16.13 -2.71
C ARG A 142 -10.54 15.12 -1.99
N GLY A 143 -9.92 14.48 -1.00
CA GLY A 143 -10.62 13.54 -0.15
C GLY A 143 -9.98 13.43 1.21
N GLU A 144 -10.00 12.22 1.75
CA GLU A 144 -9.42 11.96 3.07
C GLU A 144 -8.20 11.11 2.88
N LEU A 145 -7.14 11.44 3.62
CA LEU A 145 -5.85 10.79 3.47
C LEU A 145 -5.41 10.15 4.78
N HIS A 146 -5.01 8.89 4.73
CA HIS A 146 -4.59 8.14 5.91
C HIS A 146 -3.31 7.39 5.57
N GLY A 147 -2.29 7.53 6.41
CA GLY A 147 -1.02 6.84 6.22
C GLY A 147 -0.28 6.60 7.52
N THR A 148 0.93 6.08 7.38
CA THR A 148 1.83 5.90 8.50
C THR A 148 2.31 7.27 8.98
N GLU A 149 2.19 7.52 10.29
CA GLU A 149 2.49 8.84 10.84
C GLU A 149 3.86 8.85 11.51
N VAL A 150 4.70 9.78 11.08
CA VAL A 150 6.06 9.95 11.62
C VAL A 150 6.40 11.43 11.68
N ASP A 151 7.13 11.82 12.72
CA ASP A 151 7.68 13.15 12.82
C ASP A 151 9.18 12.97 13.02
N PHE A 152 9.94 13.03 11.93
CA PHE A 152 11.38 12.81 11.99
C PHE A 152 12.12 13.84 12.81
N ASP A 153 11.62 15.08 12.77
CA ASP A 153 12.28 16.20 13.44
C ASP A 153 12.14 16.15 14.97
N SER A 154 11.43 15.15 15.48
N SER A 154 11.42 15.14 15.47
CA SER A 154 11.26 14.95 16.91
CA SER A 154 11.22 14.94 16.91
C SER A 154 12.04 13.73 17.44
C SER A 154 11.76 13.59 17.43
N ILE A 155 12.36 12.81 16.54
CA ILE A 155 13.02 11.53 16.92
C ILE A 155 14.47 11.78 17.32
N ALA A 156 14.81 11.43 18.56
CA ALA A 156 16.19 11.51 19.04
C ALA A 156 16.87 10.16 18.88
N VAL A 157 18.02 10.17 18.21
CA VAL A 157 18.84 8.97 18.08
C VAL A 157 20.25 9.28 18.60
N PRO A 158 20.61 8.71 19.76
CA PRO A 158 21.96 8.94 20.30
C PRO A 158 23.06 8.43 19.37
N GLU A 159 24.25 9.02 19.45
CA GLU A 159 25.36 8.75 18.52
C GLU A 159 25.68 7.25 18.41
N GLY A 160 25.70 6.56 19.56
CA GLY A 160 26.00 5.12 19.59
C GLY A 160 24.96 4.29 18.85
N LEU A 161 23.69 4.59 19.11
CA LEU A 161 22.57 3.90 18.47
C LEU A 161 22.56 4.17 16.95
N ARG A 162 22.86 5.41 16.57
CA ARG A 162 23.04 5.76 15.17
C ARG A 162 24.09 4.85 14.52
N GLU A 163 25.23 4.71 15.18
CA GLU A 163 26.30 3.82 14.73
C GLU A 163 25.83 2.37 14.59
N GLU A 164 25.12 1.89 15.61
CA GLU A 164 24.61 0.52 15.64
C GLU A 164 23.65 0.25 14.48
N LEU A 165 22.72 1.17 14.26
CA LEU A 165 21.72 1.01 13.21
C LEU A 165 22.31 1.12 11.80
N LEU A 166 23.22 2.08 11.61
CA LEU A 166 23.81 2.27 10.30
C LEU A 166 24.75 1.11 9.96
N SER A 167 25.48 0.60 10.95
CA SER A 167 26.41 -0.51 10.73
C SER A 167 25.70 -1.81 10.38
N ILE A 168 24.53 -2.05 10.96
CA ILE A 168 23.85 -3.33 10.79
C ILE A 168 23.16 -3.46 9.41
N ILE A 169 23.01 -2.36 8.68
CA ILE A 169 22.41 -2.42 7.34
C ILE A 169 23.11 -3.44 6.41
N ASP A 170 24.43 -3.33 6.28
CA ASP A 170 25.16 -4.29 5.44
C ASP A 170 25.00 -5.72 5.93
N VAL A 171 24.93 -5.89 7.25
CA VAL A 171 24.76 -7.21 7.85
C VAL A 171 23.40 -7.79 7.44
N ILE A 172 22.35 -7.01 7.62
CA ILE A 172 21.00 -7.43 7.28
C ILE A 172 20.91 -7.77 5.79
N ALA A 173 21.50 -6.93 4.94
CA ALA A 173 21.48 -7.15 3.48
C ALA A 173 22.17 -8.45 3.09
N SER A 174 23.17 -8.86 3.87
CA SER A 174 23.96 -10.07 3.59
C SER A 174 23.27 -11.38 4.03
N LEU A 175 22.25 -11.27 4.86
CA LEU A 175 21.58 -12.45 5.41
C LEU A 175 20.40 -12.84 4.55
N SER A 176 19.90 -14.05 4.77
CA SER A 176 18.72 -14.53 4.06
C SER A 176 17.95 -15.53 4.91
N GLY A 177 16.68 -15.71 4.58
CA GLY A 177 15.87 -16.80 5.15
C GLY A 177 15.78 -16.76 6.66
N GLU A 178 15.85 -17.92 7.29
N GLU A 178 15.84 -17.94 7.28
CA GLU A 178 15.67 -18.06 8.74
CA GLU A 178 15.70 -18.10 8.73
C GLU A 178 16.67 -17.24 9.55
C GLU A 178 16.67 -17.22 9.53
N GLU A 179 17.92 -17.17 9.09
CA GLU A 179 18.95 -16.39 9.77
C GLU A 179 18.62 -14.90 9.73
N LEU A 180 18.16 -14.43 8.57
CA LEU A 180 17.73 -13.05 8.42
C LEU A 180 16.58 -12.73 9.37
N PHE A 181 15.57 -13.60 9.39
CA PHE A 181 14.38 -13.35 10.22
C PHE A 181 14.72 -13.35 11.71
N ARG A 182 15.62 -14.26 12.09
N ARG A 182 15.62 -14.25 12.11
CA ARG A 182 16.11 -14.35 13.46
CA ARG A 182 16.07 -14.32 13.49
C ARG A 182 16.80 -13.05 13.87
C ARG A 182 16.80 -13.04 13.87
N LYS A 183 17.68 -12.57 12.99
CA LYS A 183 18.45 -11.34 13.24
C LYS A 183 17.51 -10.13 13.37
N LEU A 184 16.52 -10.04 12.50
CA LEU A 184 15.60 -8.92 12.56
C LEU A 184 14.70 -8.99 13.81
N ASP A 185 14.26 -10.19 14.18
CA ASP A 185 13.51 -10.35 15.43
C ASP A 185 14.33 -9.82 16.60
N GLU A 186 15.62 -10.16 16.62
CA GLU A 186 16.49 -9.69 17.69
C GLU A 186 16.67 -8.18 17.68
N LEU A 187 16.97 -7.63 16.51
CA LEU A 187 17.18 -6.19 16.37
C LEU A 187 15.99 -5.39 16.85
N PHE A 188 14.80 -5.78 16.38
CA PHE A 188 13.60 -5.00 16.67
C PHE A 188 13.09 -5.22 18.09
N SER A 189 13.65 -6.21 18.78
CA SER A 189 13.33 -6.40 20.20
C SER A 189 14.23 -5.57 21.14
N ARG A 190 15.30 -4.97 20.61
CA ARG A 190 16.16 -4.12 21.44
C ARG A 190 15.38 -2.92 21.94
N SER A 191 15.43 -2.66 23.25
CA SER A 191 14.60 -1.62 23.87
C SER A 191 14.71 -0.27 23.16
N GLU A 192 15.94 0.14 22.82
CA GLU A 192 16.17 1.45 22.20
C GLU A 192 15.64 1.54 20.76
N VAL A 193 15.66 0.42 20.05
CA VAL A 193 15.11 0.37 18.69
C VAL A 193 13.58 0.35 18.78
N ARG A 194 13.08 -0.53 19.65
CA ARG A 194 11.65 -0.69 19.88
C ARG A 194 11.02 0.66 20.23
N LYS A 195 11.74 1.45 21.03
CA LYS A 195 11.35 2.81 21.41
C LYS A 195 10.98 3.66 20.20
N ILE A 196 11.85 3.64 19.18
CA ILE A 196 11.64 4.44 17.98
C ILE A 196 10.49 3.87 17.14
N VAL A 197 10.49 2.54 16.98
CA VAL A 197 9.45 1.83 16.22
C VAL A 197 8.05 2.12 16.78
N GLU A 198 7.94 2.16 18.10
CA GLU A 198 6.66 2.44 18.78
C GLU A 198 6.19 3.90 18.69
N SER A 199 7.10 4.82 18.33
CA SER A 199 6.73 6.23 18.15
C SER A 199 5.98 6.46 16.82
N VAL A 200 6.05 5.46 15.94
CA VAL A 200 5.41 5.51 14.64
C VAL A 200 3.99 4.98 14.75
N LYS A 201 3.01 5.76 14.32
CA LYS A 201 1.65 5.22 14.24
C LYS A 201 1.46 4.71 12.81
N ALA A 202 1.70 3.42 12.62
CA ALA A 202 1.70 2.83 11.27
C ALA A 202 0.31 2.47 10.77
N VAL A 203 0.19 2.47 9.45
CA VAL A 203 -0.94 1.86 8.78
C VAL A 203 -0.43 0.59 8.11
N GLY A 204 -0.96 -0.55 8.58
CA GLY A 204 -0.76 -1.84 7.96
C GLY A 204 -2.13 -2.41 7.63
N ALA A 205 -2.19 -3.69 7.26
CA ALA A 205 -3.45 -4.26 6.79
C ALA A 205 -4.61 -4.09 7.77
N GLY A 206 -4.37 -4.38 9.04
CA GLY A 206 -5.44 -4.31 10.03
C GLY A 206 -5.97 -2.90 10.21
N GLU A 207 -5.06 -1.93 10.21
CA GLU A 207 -5.46 -0.53 10.33
C GLU A 207 -6.31 -0.09 9.12
N LYS A 208 -6.00 -0.60 7.93
CA LYS A 208 -6.81 -0.19 6.76
C LYS A 208 -8.25 -0.65 6.93
N ALA A 209 -8.42 -1.88 7.43
CA ALA A 209 -9.77 -2.43 7.68
C ALA A 209 -10.51 -1.60 8.73
N LYS A 210 -9.81 -1.24 9.81
CA LYS A 210 -10.41 -0.45 10.87
C LYS A 210 -10.84 0.94 10.38
N ILE A 211 -9.99 1.59 9.59
CA ILE A 211 -10.28 2.93 9.09
C ILE A 211 -11.50 2.87 8.19
N MET A 212 -11.49 1.91 7.27
CA MET A 212 -12.60 1.76 6.33
C MET A 212 -13.93 1.48 7.07
N ARG A 213 -13.91 0.56 8.03
CA ARG A 213 -15.12 0.26 8.83
C ARG A 213 -15.62 1.51 9.57
N GLY A 214 -14.69 2.32 10.06
CA GLY A 214 -15.07 3.54 10.79
C GLY A 214 -15.85 4.50 9.92
N TYR A 215 -15.41 4.67 8.67
CA TYR A 215 -16.14 5.51 7.71
C TYR A 215 -17.50 4.93 7.34
N CYS A 216 -17.57 3.62 7.18
CA CYS A 216 -18.85 3.00 6.83
C CYS A 216 -19.88 3.25 7.91
N GLU A 217 -19.43 3.18 9.15
CA GLU A 217 -20.28 3.43 10.29
C GLU A 217 -20.67 4.92 10.37
N SER A 218 -19.68 5.80 10.37
CA SER A 218 -19.93 7.23 10.51
C SER A 218 -20.71 7.86 9.34
N LYS A 219 -20.51 7.35 8.14
CA LYS A 219 -21.15 7.91 6.94
C LYS A 219 -22.32 7.08 6.40
N GLY A 220 -22.69 6.01 7.11
CA GLY A 220 -23.82 5.16 6.71
C GLY A 220 -23.63 4.55 5.34
N ILE A 221 -22.45 3.96 5.11
CA ILE A 221 -22.16 3.31 3.83
C ILE A 221 -22.52 1.83 3.94
N ASP A 222 -23.58 1.44 3.24
CA ASP A 222 -24.05 0.06 3.23
C ASP A 222 -23.27 -0.85 2.27
N PHE A 223 -22.66 -0.27 1.23
CA PHE A 223 -21.98 -1.02 0.19
C PHE A 223 -20.58 -0.42 -0.01
N PRO A 224 -19.62 -0.79 0.87
CA PRO A 224 -18.27 -0.22 0.72
C PRO A 224 -17.59 -0.71 -0.54
N VAL A 225 -17.03 0.23 -1.29
CA VAL A 225 -16.28 -0.07 -2.49
C VAL A 225 -14.82 0.19 -2.18
N VAL A 226 -14.01 -0.86 -2.20
CA VAL A 226 -12.59 -0.74 -1.80
C VAL A 226 -11.68 -1.22 -2.93
N VAL A 227 -10.59 -0.48 -3.16
CA VAL A 227 -9.63 -0.77 -4.24
C VAL A 227 -8.25 -0.93 -3.65
N GLY A 228 -7.57 -2.01 -4.04
CA GLY A 228 -6.19 -2.23 -3.57
C GLY A 228 -5.41 -3.10 -4.53
N ASP A 229 -4.23 -3.53 -4.12
CA ASP A 229 -3.40 -4.33 -5.05
C ASP A 229 -2.39 -5.28 -4.39
N SER A 230 -2.23 -5.23 -3.06
CA SER A 230 -1.18 -6.04 -2.41
C SER A 230 -1.59 -6.61 -1.06
N ILE A 231 -0.66 -7.24 -0.35
N ILE A 231 -0.64 -7.22 -0.35
CA ILE A 231 -0.98 -7.84 0.95
CA ILE A 231 -0.92 -7.83 0.96
C ILE A 231 -1.56 -6.82 1.92
C ILE A 231 -1.54 -6.82 1.92
N SER A 232 -1.10 -5.57 1.82
CA SER A 232 -1.51 -4.57 2.80
C SER A 232 -3.01 -4.23 2.71
N ASP A 233 -3.64 -4.64 1.60
CA ASP A 233 -5.06 -4.41 1.36
C ASP A 233 -5.97 -5.56 1.73
N TYR A 234 -5.39 -6.71 2.10
CA TYR A 234 -6.21 -7.94 2.16
C TYR A 234 -7.24 -7.93 3.27
N LYS A 235 -6.93 -7.29 4.40
CA LYS A 235 -7.92 -7.21 5.48
C LYS A 235 -9.02 -6.20 5.16
N MET A 236 -8.66 -5.12 4.47
CA MET A 236 -9.65 -4.18 3.99
C MET A 236 -10.59 -4.86 2.98
N PHE A 237 -10.02 -5.71 2.13
CA PHE A 237 -10.82 -6.50 1.19
C PHE A 237 -11.82 -7.38 1.94
N GLU A 238 -11.33 -8.15 2.90
CA GLU A 238 -12.21 -9.07 3.65
C GLU A 238 -13.26 -8.30 4.43
N ALA A 239 -12.87 -7.16 4.99
CA ALA A 239 -13.84 -6.33 5.73
C ALA A 239 -14.99 -5.82 4.82
N ALA A 240 -14.63 -5.34 3.63
CA ALA A 240 -15.63 -4.94 2.64
C ALA A 240 -16.56 -6.09 2.26
N ARG A 241 -15.98 -7.27 2.02
CA ARG A 241 -16.76 -8.47 1.67
C ARG A 241 -17.74 -8.81 2.80
N GLY A 242 -17.26 -8.77 4.05
CA GLY A 242 -18.10 -9.06 5.21
C GLY A 242 -19.26 -8.09 5.35
N LEU A 243 -19.01 -6.83 4.98
CA LEU A 243 -20.03 -5.79 5.03
C LEU A 243 -20.98 -5.78 3.83
N GLY A 244 -20.75 -6.68 2.88
CA GLY A 244 -21.61 -6.77 1.69
C GLY A 244 -21.29 -5.78 0.59
N GLY A 245 -20.08 -5.20 0.60
CA GLY A 245 -19.62 -4.35 -0.49
C GLY A 245 -18.82 -5.16 -1.50
N VAL A 246 -17.78 -4.55 -2.03
CA VAL A 246 -16.97 -5.20 -3.06
C VAL A 246 -15.49 -4.86 -2.87
N ALA A 247 -14.65 -5.87 -3.07
CA ALA A 247 -13.19 -5.73 -3.01
C ALA A 247 -12.64 -5.84 -4.40
N ILE A 248 -11.95 -4.79 -4.84
CA ILE A 248 -11.46 -4.67 -6.20
C ILE A 248 -9.95 -4.59 -6.20
N ALA A 249 -9.28 -5.48 -6.92
CA ALA A 249 -7.83 -5.38 -7.09
C ALA A 249 -7.50 -4.78 -8.42
N PHE A 250 -6.51 -3.88 -8.45
CA PHE A 250 -6.03 -3.29 -9.68
C PHE A 250 -4.61 -3.81 -9.90
N ASN A 251 -4.42 -4.61 -10.95
CA ASN A 251 -3.11 -5.25 -11.21
C ASN A 251 -2.53 -5.82 -9.92
N GLY A 252 -3.34 -6.58 -9.20
CA GLY A 252 -2.93 -7.11 -7.90
C GLY A 252 -1.95 -8.26 -7.97
N ASN A 253 -1.26 -8.49 -6.85
CA ASN A 253 -0.42 -9.68 -6.74
C ASN A 253 -1.22 -10.84 -6.15
N GLU A 254 -0.55 -11.95 -5.86
CA GLU A 254 -1.25 -13.16 -5.42
C GLU A 254 -2.06 -12.92 -4.15
N TYR A 255 -1.44 -12.21 -3.21
CA TYR A 255 -2.06 -11.87 -1.93
C TYR A 255 -3.38 -11.11 -2.12
N ALA A 256 -3.35 -10.05 -2.92
CA ALA A 256 -4.55 -9.27 -3.21
C ALA A 256 -5.61 -10.12 -3.90
N LEU A 257 -5.19 -10.92 -4.90
CA LEU A 257 -6.13 -11.69 -5.71
C LEU A 257 -6.87 -12.76 -4.90
N LYS A 258 -6.17 -13.33 -3.92
N LYS A 258 -6.19 -13.37 -3.94
CA LYS A 258 -6.72 -14.33 -2.98
CA LYS A 258 -6.84 -14.36 -3.08
C LYS A 258 -7.82 -13.80 -2.08
C LYS A 258 -8.08 -13.79 -2.38
N HIS A 259 -8.03 -12.48 -2.09
CA HIS A 259 -9.03 -11.83 -1.24
C HIS A 259 -9.95 -10.86 -1.97
N ALA A 260 -9.83 -10.82 -3.30
CA ALA A 260 -10.58 -9.87 -4.12
C ALA A 260 -11.83 -10.51 -4.73
N ASP A 261 -12.88 -9.71 -4.88
CA ASP A 261 -14.06 -10.12 -5.64
C ASP A 261 -13.89 -9.86 -7.12
N VAL A 262 -13.25 -8.74 -7.47
CA VAL A 262 -13.16 -8.26 -8.84
C VAL A 262 -11.70 -7.90 -9.07
N VAL A 263 -11.14 -8.33 -10.19
CA VAL A 263 -9.77 -7.97 -10.56
C VAL A 263 -9.75 -7.22 -11.88
N ILE A 264 -9.12 -6.04 -11.86
CA ILE A 264 -8.95 -5.20 -13.05
C ILE A 264 -7.49 -5.36 -13.46
N ILE A 265 -7.29 -5.72 -14.72
CA ILE A 265 -5.95 -5.83 -15.30
C ILE A 265 -5.89 -4.81 -16.44
N SER A 266 -5.10 -3.75 -16.26
CA SER A 266 -5.19 -2.61 -17.16
C SER A 266 -4.00 -1.68 -17.01
N PRO A 267 -3.55 -1.05 -18.11
CA PRO A 267 -2.51 -0.05 -17.98
C PRO A 267 -3.02 1.37 -17.80
N THR A 268 -4.33 1.56 -17.62
CA THR A 268 -4.88 2.91 -17.46
C THR A 268 -5.79 3.02 -16.25
N ALA A 269 -5.62 4.08 -15.46
CA ALA A 269 -6.53 4.35 -14.32
C ALA A 269 -7.99 4.59 -14.78
N MET A 270 -8.23 4.84 -16.06
CA MET A 270 -9.61 5.00 -16.53
C MET A 270 -10.43 3.73 -16.28
N SER A 271 -9.77 2.57 -16.24
CA SER A 271 -10.49 1.33 -15.96
C SER A 271 -11.03 1.34 -14.54
N GLU A 272 -10.21 1.84 -13.60
CA GLU A 272 -10.64 2.03 -12.21
C GLU A 272 -11.77 3.04 -12.11
N ALA A 273 -11.63 4.18 -12.79
CA ALA A 273 -12.72 5.17 -12.77
C ALA A 273 -14.04 4.53 -13.20
N LYS A 274 -14.03 3.75 -14.27
CA LYS A 274 -15.28 3.15 -14.74
C LYS A 274 -15.85 2.13 -13.77
N VAL A 275 -15.02 1.22 -13.29
CA VAL A 275 -15.49 0.17 -12.39
C VAL A 275 -15.96 0.77 -11.06
N ILE A 276 -15.20 1.70 -10.48
CA ILE A 276 -15.65 2.38 -9.26
C ILE A 276 -17.00 3.08 -9.49
N GLU A 277 -17.12 3.80 -10.60
CA GLU A 277 -18.40 4.46 -10.94
C GLU A 277 -19.55 3.45 -10.94
N LEU A 278 -19.34 2.33 -11.63
CA LEU A 278 -20.40 1.34 -11.77
C LEU A 278 -20.85 0.84 -10.40
N PHE A 279 -19.90 0.51 -9.53
CA PHE A 279 -20.26 0.02 -8.21
C PHE A 279 -20.88 1.11 -7.33
N MET A 280 -20.37 2.34 -7.43
CA MET A 280 -20.92 3.46 -6.64
C MET A 280 -22.35 3.78 -7.05
N GLU A 281 -22.67 3.59 -8.33
CA GLU A 281 -24.01 3.86 -8.86
C GLU A 281 -24.98 2.70 -8.69
N ARG A 282 -24.54 1.48 -9.01
N ARG A 282 -24.54 1.49 -9.03
CA ARG A 282 -25.43 0.33 -9.13
CA ARG A 282 -25.40 0.31 -9.15
C ARG A 282 -25.21 -0.75 -8.08
C ARG A 282 -25.27 -0.69 -8.00
N LYS A 283 -24.17 -0.59 -7.27
CA LYS A 283 -23.89 -1.50 -6.15
C LYS A 283 -23.91 -2.97 -6.61
N GLU A 284 -24.75 -3.80 -6.02
CA GLU A 284 -24.81 -5.22 -6.40
C GLU A 284 -25.05 -5.49 -7.89
N ARG A 285 -25.70 -4.55 -8.57
CA ARG A 285 -26.06 -4.74 -9.97
C ARG A 285 -24.95 -4.30 -10.94
N ALA A 286 -23.84 -3.82 -10.40
CA ALA A 286 -22.68 -3.47 -11.23
C ALA A 286 -22.03 -4.73 -11.81
N PHE A 287 -22.09 -5.84 -11.08
CA PHE A 287 -21.44 -7.08 -11.51
C PHE A 287 -21.91 -7.49 -12.90
N GLU A 288 -23.21 -7.35 -13.17
CA GLU A 288 -23.79 -7.82 -14.43
C GLU A 288 -23.38 -6.99 -15.66
N VAL A 289 -22.71 -5.85 -15.44
CA VAL A 289 -22.31 -5.00 -16.55
C VAL A 289 -20.80 -4.90 -16.75
N LEU A 290 -20.03 -5.57 -15.90
CA LEU A 290 -18.57 -5.50 -16.00
C LEU A 290 -18.05 -6.02 -17.33
N SER A 291 -18.70 -7.06 -17.87
CA SER A 291 -18.27 -7.64 -19.14
C SER A 291 -18.55 -6.72 -20.34
N ALA A 292 -19.35 -5.69 -20.12
CA ALA A 292 -19.64 -4.67 -21.13
C ALA A 292 -18.61 -3.55 -21.19
N VAL A 293 -17.76 -3.45 -20.18
CA VAL A 293 -16.69 -2.46 -20.17
C VAL A 293 -15.62 -2.84 -21.18
N SER A 294 -15.41 -1.95 -22.15
CA SER A 294 -14.44 -2.18 -23.19
C SER A 294 -13.49 -1.00 -23.26
N ILE A 295 -12.32 -1.18 -22.64
CA ILE A 295 -11.25 -0.18 -22.61
C ILE A 295 -10.00 -0.89 -23.14
N PRO A 296 -9.19 -0.20 -23.97
CA PRO A 296 -8.04 -0.93 -24.52
C PRO A 296 -7.15 -1.57 -23.45
N GLU A 297 -6.70 -2.78 -23.76
CA GLU A 297 -5.78 -3.56 -22.92
C GLU A 297 -6.30 -3.78 -21.49
N THR A 298 -7.61 -3.78 -21.34
CA THR A 298 -8.27 -3.88 -20.03
C THR A 298 -9.15 -5.11 -19.96
N GLU A 299 -8.90 -5.93 -18.94
CA GLU A 299 -9.71 -7.11 -18.66
C GLU A 299 -10.18 -7.01 -17.22
N ILE A 300 -11.43 -7.40 -17.00
CA ILE A 300 -12.05 -7.32 -15.67
C ILE A 300 -12.61 -8.71 -15.37
N TYR A 301 -12.18 -9.26 -14.24
CA TYR A 301 -12.55 -10.62 -13.86
C TYR A 301 -13.35 -10.62 -12.57
N ILE A 302 -14.47 -11.34 -12.58
CA ILE A 302 -15.20 -11.63 -11.35
C ILE A 302 -14.59 -12.92 -10.84
N MET A 303 -13.92 -12.86 -9.70
CA MET A 303 -13.06 -13.97 -9.26
C MET A 303 -13.82 -15.27 -9.01
N GLU A 304 -15.02 -15.18 -8.45
CA GLU A 304 -15.84 -16.38 -8.22
C GLU A 304 -16.25 -17.11 -9.51
N ASN A 305 -16.04 -16.47 -10.66
CA ASN A 305 -16.32 -17.09 -11.97
C ASN A 305 -15.10 -17.24 -12.85
N SER A 306 -13.91 -17.20 -12.26
CA SER A 306 -12.67 -17.16 -13.04
C SER A 306 -11.64 -18.15 -12.51
N ASP A 307 -10.69 -18.51 -13.37
CA ASP A 307 -9.59 -19.39 -12.96
C ASP A 307 -8.51 -18.54 -12.32
N PHE A 308 -8.24 -18.82 -11.05
CA PHE A 308 -7.28 -18.06 -10.27
C PHE A 308 -5.90 -17.92 -10.94
N GLY A 309 -5.34 -19.04 -11.39
CA GLY A 309 -4.02 -19.07 -12.02
C GLY A 309 -3.91 -18.21 -13.28
N GLU A 310 -4.93 -18.28 -14.12
CA GLU A 310 -5.00 -17.48 -15.34
C GLU A 310 -4.99 -16.00 -14.98
N VAL A 311 -5.84 -15.61 -14.05
CA VAL A 311 -5.97 -14.20 -13.69
C VAL A 311 -4.67 -13.70 -13.05
N LEU A 312 -4.11 -14.52 -12.17
CA LEU A 312 -2.86 -14.18 -11.50
C LEU A 312 -1.72 -13.94 -12.48
N GLU A 313 -1.53 -14.84 -13.44
CA GLU A 313 -0.44 -14.66 -14.40
C GLU A 313 -0.55 -13.35 -15.17
N LYS A 314 -1.77 -13.05 -15.64
CA LYS A 314 -2.05 -11.81 -16.38
C LYS A 314 -1.87 -10.58 -15.51
N SER A 315 -2.37 -10.66 -14.29
CA SER A 315 -2.31 -9.52 -13.38
C SER A 315 -0.86 -9.19 -13.04
N LYS A 316 -0.06 -10.23 -12.73
CA LYS A 316 1.34 -10.04 -12.39
C LYS A 316 2.14 -9.46 -13.55
N ARG A 317 1.80 -9.88 -14.76
CA ARG A 317 2.42 -9.35 -15.97
C ARG A 317 2.18 -7.84 -16.07
N MET A 318 0.93 -7.42 -15.88
CA MET A 318 0.60 -5.99 -16.00
C MET A 318 1.23 -5.21 -14.86
N ARG A 319 1.21 -5.83 -13.70
CA ARG A 319 1.80 -5.25 -12.52
C ARG A 319 3.26 -4.83 -12.74
N VAL A 320 4.03 -5.74 -13.34
CA VAL A 320 5.44 -5.50 -13.63
C VAL A 320 5.61 -4.56 -14.83
N ARG A 321 4.75 -4.68 -15.85
CA ARG A 321 4.74 -3.71 -16.94
C ARG A 321 4.70 -2.26 -16.41
N LEU A 322 3.81 -2.00 -15.46
CA LEU A 322 3.63 -0.63 -14.95
C LEU A 322 4.66 -0.22 -13.91
N ARG A 323 4.97 -1.12 -12.98
CA ARG A 323 5.80 -0.76 -11.82
C ARG A 323 7.23 -1.29 -11.87
N GLY A 324 7.56 -2.04 -12.92
CA GLY A 324 8.89 -2.61 -13.07
C GLY A 324 9.23 -3.60 -11.97
N LEU A 325 10.52 -3.70 -11.66
CA LEU A 325 11.00 -4.64 -10.65
C LEU A 325 10.37 -4.38 -9.28
N ALA A 326 10.11 -3.11 -8.97
CA ALA A 326 9.42 -2.75 -7.73
C ALA A 326 8.06 -3.44 -7.62
N GLY A 327 7.46 -3.75 -8.77
CA GLY A 327 6.18 -4.48 -8.86
C GLY A 327 6.21 -5.92 -8.36
N GLU A 328 7.39 -6.45 -8.08
CA GLU A 328 7.47 -7.78 -7.48
C GLU A 328 7.77 -7.75 -5.98
N LEU A 329 8.05 -6.56 -5.45
CA LEU A 329 8.35 -6.42 -4.02
C LEU A 329 7.12 -6.58 -3.16
N GLY A 330 7.28 -7.21 -2.00
CA GLY A 330 6.25 -7.16 -0.96
C GLY A 330 6.44 -5.94 -0.06
N GLY A 331 5.81 -5.97 1.10
CA GLY A 331 6.12 -4.99 2.16
C GLY A 331 5.27 -3.74 2.24
N SER A 332 4.37 -3.54 1.28
CA SER A 332 3.52 -2.33 1.26
C SER A 332 2.24 -2.67 0.53
MG MG B . -0.48 -0.80 -3.17
#